data_4U40
#
_entry.id   4U40
#
_cell.length_a   80.339
_cell.length_b   87.595
_cell.length_c   91.450
_cell.angle_alpha   90.000
_cell.angle_beta   90.000
_cell.angle_gamma   90.000
#
_symmetry.space_group_name_H-M   'P 21 21 21'
#
loop_
_entity.id
_entity.type
_entity.pdbx_description
1 polymer 'Mitogen-activated protein kinase kinase kinase kinase 4'
2 non-polymer 'PHOSPHOAMINOPHOSPHONIC ACID-ADENYLATE ESTER'
3 non-polymer 'MAGNESIUM ION'
4 water water
#
_entity_poly.entity_id   1
_entity_poly.type   'polypeptide(L)'
_entity_poly.pdbx_seq_one_letter_code
;GSANDSPAKSLVDIDLSSLRDPAGIFELVEVVGNGTYGQVYKGRHVKTGQLAAIKVMDVTEDEEEEIKLEINMLKKYSHH
RNIATYYGAFIKKSPPGHDDQLWLVMEFCGAGSITDLVKNTKGNTLKEDWIAYISREILRGLAHLHIHHVIHRDIKGQNV
LLTENAEVKLVDFGVSAQLDRTVGRRNTFIGTPYWMAPEVIACDENPDATYDYRSDLWSCGITAIEMAEGAPPLCDMHPM
RALFLIPRNPPPRLKSKKWSKKFFSFIEGCLVKNYMQRPSTEQLLKHPFIRDQPNERQVRIQLKDHIDRTRKKRGEKDET
EYEYSGSEEGNS
;
_entity_poly.pdbx_strand_id   A,B
#
loop_
_chem_comp.id
_chem_comp.type
_chem_comp.name
_chem_comp.formula
ANP non-polymer 'PHOSPHOAMINOPHOSPHONIC ACID-ADENYLATE ESTER' 'C10 H17 N6 O12 P3'
MG non-polymer 'MAGNESIUM ION' 'Mg 2'
#
# COMPACT_ATOMS: atom_id res chain seq x y z
N SER A 18 -16.99 0.87 22.43
CA SER A 18 -16.67 -0.23 23.34
C SER A 18 -15.26 -0.83 23.10
N LEU A 19 -14.57 -0.36 22.07
CA LEU A 19 -13.13 -0.59 21.90
C LEU A 19 -12.39 0.46 22.73
N ARG A 20 -11.47 0.03 23.59
CA ARG A 20 -10.82 0.99 24.49
C ARG A 20 -9.47 1.53 24.01
N ASP A 21 -9.03 2.62 24.63
CA ASP A 21 -7.66 3.12 24.48
C ASP A 21 -6.69 2.07 25.02
N PRO A 22 -5.52 1.95 24.39
CA PRO A 22 -4.56 0.91 24.80
C PRO A 22 -3.74 1.33 26.03
N ALA A 23 -3.79 2.61 26.39
CA ALA A 23 -2.99 3.16 27.48
C ALA A 23 -3.06 2.30 28.74
N GLY A 24 -1.89 1.96 29.29
CA GLY A 24 -1.82 1.11 30.47
C GLY A 24 -2.09 -0.38 30.25
N ILE A 25 -2.35 -0.77 29.01
CA ILE A 25 -2.67 -2.16 28.66
C ILE A 25 -1.64 -2.73 27.70
N PHE A 26 -1.42 -2.02 26.60
CA PHE A 26 -0.32 -2.32 25.67
C PHE A 26 0.43 -1.01 25.38
N GLU A 27 1.70 -1.13 25.02
CA GLU A 27 2.49 0.03 24.65
C GLU A 27 3.44 -0.35 23.51
N LEU A 28 3.86 0.63 22.72
CA LEU A 28 4.75 0.37 21.58
C LEU A 28 6.21 0.33 22.00
N VAL A 29 6.97 -0.57 21.40
CA VAL A 29 8.39 -0.67 21.70
C VAL A 29 9.24 -0.14 20.54
N GLU A 30 9.02 -0.67 19.34
CA GLU A 30 9.81 -0.26 18.17
C GLU A 30 9.25 -0.91 16.92
N VAL A 31 9.47 -0.26 15.79
CA VAL A 31 8.99 -0.76 14.50
C VAL A 31 9.68 -2.08 14.13
N VAL A 32 8.89 -3.02 13.60
CA VAL A 32 9.45 -4.24 13.04
C VAL A 32 9.22 -4.33 11.54
N GLY A 33 8.35 -3.46 11.01
CA GLY A 33 8.11 -3.45 9.59
C GLY A 33 6.86 -2.69 9.16
N ASN A 34 6.72 -2.49 7.86
CA ASN A 34 5.57 -1.80 7.32
C ASN A 34 5.36 -2.21 5.88
N GLY A 35 4.43 -1.52 5.22
CA GLY A 35 4.27 -1.65 3.79
C GLY A 35 2.93 -1.08 3.43
N THR A 36 2.15 -1.90 2.72
CA THR A 36 0.72 -1.71 2.57
C THR A 36 0.21 -0.41 3.22
N TYR A 37 -0.04 -0.47 4.52
CA TYR A 37 -0.70 0.61 5.25
C TYR A 37 -0.32 0.56 6.72
N GLY A 38 0.02 1.72 7.29
CA GLY A 38 0.47 1.79 8.67
C GLY A 38 1.78 1.05 8.89
N GLN A 39 2.10 0.76 10.16
CA GLN A 39 3.23 -0.10 10.46
C GLN A 39 2.96 -1.11 11.56
N VAL A 40 3.87 -2.05 11.70
CA VAL A 40 3.80 -3.06 12.73
C VAL A 40 4.91 -2.76 13.74
N TYR A 41 4.55 -2.78 15.03
CA TYR A 41 5.55 -2.60 16.08
C TYR A 41 5.68 -3.87 16.87
N LYS A 42 6.88 -4.06 17.43
CA LYS A 42 7.04 -4.93 18.57
C LYS A 42 6.34 -4.18 19.69
N GLY A 43 5.56 -4.90 20.48
CA GLY A 43 4.73 -4.28 21.49
C GLY A 43 4.77 -5.09 22.75
N ARG A 44 4.24 -4.53 23.83
CA ARG A 44 4.36 -5.14 25.14
C ARG A 44 3.07 -4.96 25.91
N HIS A 45 2.60 -6.05 26.49
CA HIS A 45 1.49 -6.04 27.44
C HIS A 45 2.02 -5.46 28.74
N VAL A 46 1.55 -4.26 29.09
CA VAL A 46 2.14 -3.44 30.13
C VAL A 46 2.34 -4.17 31.46
N LYS A 47 1.30 -4.88 31.89
CA LYS A 47 1.29 -5.48 33.22
C LYS A 47 2.15 -6.74 33.37
N THR A 48 2.43 -7.44 32.27
CA THR A 48 3.23 -8.69 32.36
C THR A 48 4.55 -8.63 31.60
N GLY A 49 4.72 -7.61 30.76
CA GLY A 49 5.95 -7.46 29.99
C GLY A 49 6.02 -8.40 28.79
N GLN A 50 5.01 -9.26 28.66
CA GLN A 50 4.93 -10.14 27.52
C GLN A 50 4.84 -9.40 26.18
N LEU A 51 5.60 -9.87 25.20
CA LEU A 51 5.63 -9.24 23.89
C LEU A 51 4.38 -9.56 23.07
N ALA A 52 4.16 -8.73 22.07
CA ALA A 52 3.04 -8.88 21.15
C ALA A 52 3.45 -8.15 19.91
N ALA A 53 2.86 -8.49 18.77
CA ALA A 53 2.99 -7.62 17.62
C ALA A 53 1.79 -6.67 17.58
N ILE A 54 2.04 -5.42 17.24
CA ILE A 54 0.94 -4.45 17.20
C ILE A 54 0.90 -3.74 15.86
N LYS A 55 -0.21 -3.92 15.14
CA LYS A 55 -0.37 -3.26 13.85
C LYS A 55 -1.10 -1.94 14.06
N VAL A 56 -0.47 -0.85 13.62
CA VAL A 56 -0.98 0.48 13.89
C VAL A 56 -1.32 1.17 12.58
N MET A 57 -2.55 1.67 12.47
CA MET A 57 -3.06 2.28 11.23
C MET A 57 -4.18 3.28 11.47
N ASP A 58 -4.09 4.41 10.78
CA ASP A 58 -5.09 5.47 10.85
C ASP A 58 -6.46 4.96 10.42
N VAL A 59 -7.48 5.29 11.21
CA VAL A 59 -8.86 5.01 10.82
C VAL A 59 -9.78 6.18 11.16
N THR A 60 -10.90 6.27 10.45
CA THR A 60 -11.95 7.23 10.78
C THR A 60 -12.86 6.59 11.82
N GLU A 61 -13.63 7.40 12.54
CA GLU A 61 -14.45 6.86 13.60
C GLU A 61 -15.62 6.04 13.06
N ASP A 62 -15.97 6.25 11.80
CA ASP A 62 -17.07 5.50 11.20
C ASP A 62 -16.71 4.04 10.93
N GLU A 63 -15.41 3.74 10.97
CA GLU A 63 -14.94 2.38 10.73
C GLU A 63 -15.17 1.46 11.92
N GLU A 64 -15.45 2.03 13.08
CA GLU A 64 -15.45 1.27 14.33
C GLU A 64 -16.33 0.00 14.34
N GLU A 65 -17.54 0.11 13.81
CA GLU A 65 -18.44 -1.05 13.78
C GLU A 65 -17.82 -2.21 13.01
N GLU A 66 -17.18 -1.89 11.89
CA GLU A 66 -16.54 -2.91 11.05
C GLU A 66 -15.36 -3.56 11.79
N ILE A 67 -14.58 -2.76 12.49
CA ILE A 67 -13.42 -3.25 13.21
C ILE A 67 -13.77 -4.30 14.24
N LYS A 68 -14.86 -4.08 14.98
CA LYS A 68 -15.28 -5.03 16.02
C LYS A 68 -15.66 -6.37 15.42
N LEU A 69 -16.21 -6.37 14.21
CA LEU A 69 -16.52 -7.62 13.57
C LEU A 69 -15.24 -8.33 13.16
N GLU A 70 -14.32 -7.58 12.56
CA GLU A 70 -13.06 -8.15 12.11
C GLU A 70 -12.28 -8.77 13.28
N ILE A 71 -11.99 -7.98 14.32
CA ILE A 71 -11.27 -8.49 15.46
C ILE A 71 -11.93 -9.74 16.03
N ASN A 72 -13.25 -9.75 16.14
CA ASN A 72 -13.97 -10.92 16.67
C ASN A 72 -13.67 -12.19 15.86
N MET A 73 -13.62 -12.03 14.54
CA MET A 73 -13.37 -13.14 13.63
C MET A 73 -11.91 -13.56 13.77
N LEU A 74 -11.03 -12.58 13.91
CA LEU A 74 -9.61 -12.86 13.97
C LEU A 74 -9.28 -13.66 15.22
N LYS A 75 -9.94 -13.34 16.32
CA LYS A 75 -9.68 -14.04 17.56
C LYS A 75 -10.22 -15.46 17.50
N LYS A 76 -11.42 -15.59 16.94
CA LYS A 76 -12.09 -16.88 16.93
C LYS A 76 -11.31 -17.96 16.17
N TYR A 77 -10.63 -17.56 15.11
CA TYR A 77 -10.03 -18.53 14.21
C TYR A 77 -8.51 -18.67 14.37
N SER A 78 -7.95 -17.94 15.33
CA SER A 78 -6.50 -17.93 15.49
C SER A 78 -5.99 -18.89 16.57
N HIS A 79 -6.87 -19.71 17.13
CA HIS A 79 -6.46 -20.64 18.19
C HIS A 79 -5.99 -21.98 17.66
N HIS A 80 -4.98 -21.92 16.80
CA HIS A 80 -4.37 -23.10 16.27
C HIS A 80 -2.86 -22.83 16.30
N ARG A 81 -2.06 -23.86 16.49
CA ARG A 81 -0.62 -23.67 16.65
C ARG A 81 0.08 -23.08 15.43
N ASN A 82 -0.58 -23.14 14.27
CA ASN A 82 0.01 -22.55 13.05
C ASN A 82 -0.59 -21.21 12.65
N ILE A 83 -1.38 -20.62 13.55
CA ILE A 83 -1.81 -19.24 13.32
C ILE A 83 -1.37 -18.33 14.46
N ALA A 84 -0.75 -17.21 14.14
CA ALA A 84 -0.49 -16.22 15.17
C ALA A 84 -1.81 -15.90 15.88
N THR A 85 -1.85 -16.06 17.19
CA THR A 85 -3.08 -15.81 17.95
C THR A 85 -3.39 -14.32 18.10
N TYR A 86 -4.65 -13.96 17.84
CA TYR A 86 -5.06 -12.57 17.94
C TYR A 86 -5.58 -12.26 19.33
N TYR A 87 -5.06 -11.18 19.92
CA TYR A 87 -5.36 -10.84 21.30
C TYR A 87 -6.51 -9.85 21.41
N GLY A 88 -6.49 -8.83 20.56
CA GLY A 88 -7.47 -7.77 20.66
C GLY A 88 -7.19 -6.57 19.77
N ALA A 89 -8.16 -5.67 19.72
CA ALA A 89 -8.01 -4.45 18.96
C ALA A 89 -8.29 -3.28 19.89
N PHE A 90 -7.64 -2.16 19.64
CA PHE A 90 -7.82 -0.96 20.46
C PHE A 90 -7.87 0.25 19.57
N ILE A 91 -8.43 1.34 20.09
CA ILE A 91 -8.42 2.60 19.36
C ILE A 91 -7.83 3.72 20.21
N LYS A 92 -6.71 4.26 19.76
CA LYS A 92 -6.09 5.36 20.45
C LYS A 92 -6.60 6.66 19.84
N LYS A 93 -7.55 7.28 20.53
CA LYS A 93 -8.15 8.50 20.04
C LYS A 93 -7.08 9.56 19.82
N SER A 94 -7.31 10.43 18.85
CA SER A 94 -6.36 11.49 18.53
C SER A 94 -7.03 12.85 18.61
N PRO A 95 -6.25 13.91 18.92
CA PRO A 95 -6.76 15.27 19.06
C PRO A 95 -7.56 15.67 17.82
N PRO A 96 -8.47 16.65 17.97
CA PRO A 96 -9.34 17.11 16.87
C PRO A 96 -8.57 17.34 15.58
N GLY A 97 -9.12 16.86 14.47
CA GLY A 97 -8.49 17.02 13.17
C GLY A 97 -7.77 15.76 12.74
N HIS A 98 -6.98 15.19 13.65
CA HIS A 98 -6.26 13.95 13.38
C HIS A 98 -7.19 12.76 13.33
N ASP A 99 -6.72 11.70 12.69
CA ASP A 99 -7.42 10.43 12.71
C ASP A 99 -6.98 9.62 13.93
N ASP A 100 -7.90 8.85 14.49
CA ASP A 100 -7.59 7.95 15.57
C ASP A 100 -6.78 6.76 15.04
N GLN A 101 -5.99 6.12 15.90
CA GLN A 101 -5.21 4.96 15.49
C GLN A 101 -5.82 3.66 16.00
N LEU A 102 -6.17 2.78 15.07
CA LEU A 102 -6.49 1.41 15.44
C LEU A 102 -5.19 0.64 15.73
N TRP A 103 -5.15 -0.03 16.89
CA TRP A 103 -4.08 -0.97 17.23
C TRP A 103 -4.62 -2.39 17.21
N LEU A 104 -4.02 -3.23 16.38
CA LEU A 104 -4.43 -4.61 16.24
C LEU A 104 -3.32 -5.43 16.86
N VAL A 105 -3.69 -6.20 17.87
CA VAL A 105 -2.72 -6.84 18.74
C VAL A 105 -2.78 -8.34 18.62
N MET A 106 -1.64 -8.91 18.31
CA MET A 106 -1.54 -10.34 18.17
C MET A 106 -0.21 -10.84 18.73
N GLU A 107 -0.10 -12.16 18.77
CA GLU A 107 1.11 -12.89 19.12
C GLU A 107 2.35 -12.35 18.41
N PHE A 108 3.41 -12.09 19.17
CA PHE A 108 4.67 -11.65 18.57
C PHE A 108 5.49 -12.83 18.08
N CYS A 109 5.89 -12.80 16.81
CA CYS A 109 6.73 -13.84 16.23
C CYS A 109 8.14 -13.28 16.07
N GLY A 110 9.03 -13.70 16.97
CA GLY A 110 10.32 -13.08 17.15
C GLY A 110 11.30 -13.22 16.02
N ALA A 111 11.22 -14.32 15.28
CA ALA A 111 12.18 -14.59 14.21
C ALA A 111 11.84 -13.90 12.89
N GLY A 112 10.65 -13.33 12.77
CA GLY A 112 10.26 -12.60 11.57
C GLY A 112 9.67 -13.47 10.47
N SER A 113 9.59 -12.90 9.27
CA SER A 113 8.91 -13.55 8.15
C SER A 113 9.82 -14.47 7.34
N ILE A 114 9.22 -15.44 6.67
CA ILE A 114 10.05 -16.26 5.80
C ILE A 114 10.62 -15.44 4.62
N THR A 115 9.95 -14.37 4.21
CA THR A 115 10.57 -13.45 3.23
C THR A 115 11.88 -12.87 3.78
N ASP A 116 11.90 -12.49 5.05
CA ASP A 116 13.14 -11.99 5.68
C ASP A 116 14.18 -13.10 5.72
N LEU A 117 13.76 -14.28 6.15
CA LEU A 117 14.63 -15.43 6.26
C LEU A 117 15.43 -15.61 4.98
N VAL A 118 14.70 -15.86 3.90
CA VAL A 118 15.33 -16.17 2.62
C VAL A 118 16.22 -15.02 2.19
N LYS A 119 15.88 -13.82 2.63
CA LYS A 119 16.67 -12.63 2.26
C LYS A 119 18.02 -12.64 2.96
N ASN A 120 18.03 -13.04 4.22
CA ASN A 120 19.24 -12.99 5.04
C ASN A 120 20.05 -14.29 4.97
N THR A 121 19.67 -15.16 4.06
CA THR A 121 20.37 -16.43 3.88
C THR A 121 21.27 -16.35 2.64
N LYS A 122 22.52 -16.77 2.79
CA LYS A 122 23.45 -16.77 1.66
C LYS A 122 22.86 -17.56 0.50
N GLY A 123 22.85 -16.92 -0.67
CA GLY A 123 22.31 -17.53 -1.87
C GLY A 123 20.84 -17.24 -2.08
N ASN A 124 20.19 -16.65 -1.08
CA ASN A 124 18.75 -16.39 -1.14
C ASN A 124 18.01 -17.66 -1.55
N THR A 125 18.25 -18.72 -0.78
CA THR A 125 17.71 -20.02 -1.10
C THR A 125 17.76 -20.89 0.15
N LEU A 126 16.68 -21.63 0.38
CA LEU A 126 16.59 -22.48 1.56
C LEU A 126 16.74 -23.93 1.14
N LYS A 127 17.31 -24.74 2.04
CA LYS A 127 17.48 -26.15 1.76
C LYS A 127 16.13 -26.76 1.52
N GLU A 128 16.08 -27.74 0.63
CA GLU A 128 14.82 -28.41 0.32
C GLU A 128 14.05 -28.84 1.58
N ASP A 129 14.69 -29.56 2.49
CA ASP A 129 13.93 -30.04 3.64
C ASP A 129 13.41 -28.94 4.58
N TRP A 130 14.04 -27.77 4.57
CA TRP A 130 13.47 -26.63 5.27
C TRP A 130 12.17 -26.21 4.59
N ILE A 131 12.18 -26.23 3.26
CA ILE A 131 11.01 -25.87 2.47
C ILE A 131 9.84 -26.83 2.70
N ALA A 132 10.15 -28.12 2.81
CA ALA A 132 9.10 -29.10 3.05
C ALA A 132 8.48 -28.92 4.43
N TYR A 133 9.32 -28.56 5.39
CA TYR A 133 8.82 -28.36 6.74
C TYR A 133 7.94 -27.11 6.82
N ILE A 134 8.46 -25.99 6.37
CA ILE A 134 7.68 -24.75 6.36
C ILE A 134 6.34 -24.91 5.59
N SER A 135 6.37 -25.54 4.43
CA SER A 135 5.18 -25.68 3.60
C SER A 135 4.12 -26.55 4.25
N ARG A 136 4.56 -27.57 4.98
CA ARG A 136 3.61 -28.40 5.71
C ARG A 136 2.97 -27.56 6.82
N GLU A 137 3.78 -26.79 7.52
CA GLU A 137 3.24 -25.96 8.60
C GLU A 137 2.22 -24.96 8.03
N ILE A 138 2.52 -24.40 6.87
CA ILE A 138 1.58 -23.52 6.20
C ILE A 138 0.29 -24.25 5.91
N LEU A 139 0.40 -25.42 5.29
CA LEU A 139 -0.77 -26.21 4.91
C LEU A 139 -1.64 -26.59 6.13
N ARG A 140 -1.02 -26.91 7.23
CA ARG A 140 -1.76 -27.21 8.46
C ARG A 140 -2.54 -25.99 8.97
N GLY A 141 -1.89 -24.83 8.96
CA GLY A 141 -2.57 -23.59 9.29
C GLY A 141 -3.71 -23.34 8.33
N LEU A 142 -3.47 -23.54 7.03
CA LEU A 142 -4.53 -23.34 6.05
C LEU A 142 -5.66 -24.32 6.27
N ALA A 143 -5.30 -25.60 6.53
CA ALA A 143 -6.28 -26.64 6.83
C ALA A 143 -7.25 -26.18 7.94
N HIS A 144 -6.70 -25.69 9.05
CA HIS A 144 -7.53 -25.18 10.13
C HIS A 144 -8.57 -24.11 9.66
N LEU A 145 -8.11 -23.14 8.88
CA LEU A 145 -8.99 -22.07 8.41
C LEU A 145 -10.06 -22.56 7.44
N HIS A 146 -9.66 -23.41 6.49
CA HIS A 146 -10.59 -23.94 5.52
C HIS A 146 -11.72 -24.74 6.16
N ILE A 147 -11.40 -25.67 7.06
CA ILE A 147 -12.45 -26.44 7.72
C ILE A 147 -13.45 -25.54 8.46
N HIS A 148 -13.02 -24.33 8.81
CA HIS A 148 -13.93 -23.37 9.43
C HIS A 148 -14.50 -22.41 8.40
N HIS A 149 -14.30 -22.74 7.13
CA HIS A 149 -14.88 -22.00 6.01
C HIS A 149 -14.28 -20.60 5.84
N VAL A 150 -13.03 -20.48 6.24
CA VAL A 150 -12.32 -19.22 6.13
C VAL A 150 -11.24 -19.31 5.05
N ILE A 151 -11.28 -18.38 4.11
CA ILE A 151 -10.22 -18.27 3.14
C ILE A 151 -9.19 -17.25 3.63
N HIS A 152 -7.91 -17.61 3.57
CA HIS A 152 -6.88 -16.71 4.10
C HIS A 152 -6.82 -15.49 3.18
N ARG A 153 -6.73 -15.80 1.89
CA ARG A 153 -6.70 -14.87 0.77
C ARG A 153 -5.48 -13.95 0.64
N ASP A 154 -4.50 -14.07 1.52
CA ASP A 154 -3.37 -13.15 1.47
C ASP A 154 -2.06 -13.87 1.78
N ILE A 155 -1.99 -15.14 1.40
CA ILE A 155 -0.79 -15.93 1.65
C ILE A 155 0.39 -15.42 0.81
N LYS A 156 1.55 -15.34 1.44
CA LYS A 156 2.79 -14.92 0.82
C LYS A 156 3.83 -14.92 1.92
N GLY A 157 5.09 -14.74 1.53
CA GLY A 157 6.19 -14.83 2.47
C GLY A 157 6.12 -13.88 3.65
N GLN A 158 5.62 -12.66 3.43
CA GLN A 158 5.49 -11.69 4.52
C GLN A 158 4.41 -12.10 5.50
N ASN A 159 3.51 -12.98 5.07
CA ASN A 159 2.42 -13.40 5.95
C ASN A 159 2.66 -14.76 6.57
N VAL A 160 3.90 -15.23 6.47
CA VAL A 160 4.28 -16.48 7.13
C VAL A 160 5.44 -16.18 8.07
N LEU A 161 5.24 -16.48 9.35
CA LEU A 161 6.20 -16.04 10.36
C LEU A 161 6.76 -17.19 11.19
N LEU A 162 7.92 -16.94 11.78
CA LEU A 162 8.58 -17.89 12.66
C LEU A 162 8.74 -17.32 14.05
N THR A 163 8.65 -18.21 15.03
CA THR A 163 8.96 -17.90 16.41
C THR A 163 10.44 -18.17 16.65
N GLU A 164 10.89 -17.80 17.85
CA GLU A 164 12.26 -18.07 18.26
C GLU A 164 12.52 -19.57 18.25
N ASN A 165 11.50 -20.35 18.61
CA ASN A 165 11.62 -21.81 18.63
C ASN A 165 11.34 -22.50 17.29
N ALA A 166 11.54 -21.77 16.20
CA ALA A 166 11.41 -22.33 14.85
C ALA A 166 9.99 -22.82 14.51
N GLU A 167 9.00 -22.22 15.15
CA GLU A 167 7.63 -22.57 14.85
C GLU A 167 7.08 -21.65 13.77
N VAL A 168 6.15 -22.17 13.00
CA VAL A 168 5.66 -21.45 11.82
C VAL A 168 4.20 -21.04 12.00
N LYS A 169 3.92 -19.77 11.73
CA LYS A 169 2.59 -19.23 11.99
C LYS A 169 2.09 -18.30 10.91
N LEU A 170 0.81 -18.47 10.55
CA LEU A 170 0.18 -17.60 9.58
C LEU A 170 -0.37 -16.35 10.25
N VAL A 171 -0.35 -15.25 9.54
CA VAL A 171 -0.87 -14.00 10.03
C VAL A 171 -1.67 -13.32 8.90
N ASP A 172 -2.59 -12.43 9.27
CA ASP A 172 -3.32 -11.59 8.32
C ASP A 172 -4.28 -12.30 7.35
N PHE A 173 -5.09 -13.22 7.88
CA PHE A 173 -6.14 -13.84 7.09
C PHE A 173 -7.34 -12.91 6.90
N GLY A 174 -7.97 -13.01 5.73
CA GLY A 174 -8.99 -12.07 5.30
C GLY A 174 -10.20 -12.02 6.23
N VAL A 175 -10.41 -10.86 6.81
CA VAL A 175 -11.63 -10.58 7.55
C VAL A 175 -12.24 -9.42 6.78
N SER A 176 -13.44 -8.99 7.14
CA SER A 176 -14.21 -8.08 6.28
C SER A 176 -14.57 -8.88 5.02
N ALA A 177 -15.03 -8.24 3.94
CA ALA A 177 -15.41 -6.83 3.89
C ALA A 177 -16.90 -6.65 4.21
N GLN A 178 -17.69 -7.68 3.86
CA GLN A 178 -19.04 -7.91 4.39
C GLN A 178 -20.08 -6.77 4.36
N LEU A 179 -19.68 -5.58 4.81
CA LEU A 179 -20.62 -4.63 5.41
C LEU A 179 -21.38 -3.61 4.57
N ASP A 180 -21.28 -3.69 3.25
CA ASP A 180 -22.07 -2.77 2.42
C ASP A 180 -21.80 -1.32 2.86
N ARG A 181 -20.54 -1.02 3.13
CA ARG A 181 -20.12 0.31 3.54
C ARG A 181 -19.03 0.80 2.61
N THR A 182 -18.71 2.09 2.71
CA THR A 182 -17.50 2.63 2.12
C THR A 182 -16.37 1.80 2.70
N VAL A 183 -15.45 1.34 1.88
CA VAL A 183 -14.32 0.57 2.41
C VAL A 183 -13.27 1.51 3.00
N GLY A 184 -12.90 1.28 4.26
CA GLY A 184 -11.95 2.12 4.96
C GLY A 184 -10.60 2.14 4.25
N ARG A 185 -9.85 3.23 4.38
CA ARG A 185 -8.56 3.39 3.73
C ARG A 185 -7.71 2.13 3.89
N ARG A 186 -7.64 1.64 5.13
CA ARG A 186 -6.79 0.51 5.46
C ARG A 186 -7.06 -0.69 4.56
N ASN A 187 -8.28 -0.78 4.02
CA ASN A 187 -8.68 -1.84 3.08
C ASN A 187 -8.74 -1.45 1.59
N THR A 188 -8.30 -0.24 1.24
CA THR A 188 -8.44 0.27 -0.13
C THR A 188 -7.22 0.02 -1.01
N PHE A 189 -6.19 -0.59 -0.44
CA PHE A 189 -4.93 -0.83 -1.14
C PHE A 189 -4.89 -2.26 -1.66
N ILE A 190 -4.48 -2.45 -2.90
CA ILE A 190 -4.48 -3.79 -3.48
C ILE A 190 -3.36 -4.71 -3.00
N GLY A 191 -2.16 -4.18 -2.78
CA GLY A 191 -1.05 -5.01 -2.32
C GLY A 191 -0.20 -5.64 -3.42
N THR A 192 0.86 -6.34 -3.01
CA THR A 192 1.68 -7.08 -3.95
C THR A 192 0.83 -8.19 -4.57
N PRO A 193 0.87 -8.35 -5.90
CA PRO A 193 0.06 -9.34 -6.63
C PRO A 193 0.76 -10.66 -6.93
N TYR A 194 2.05 -10.78 -6.66
CA TYR A 194 2.82 -11.94 -7.17
C TYR A 194 2.36 -13.31 -6.66
N TRP A 195 1.67 -13.32 -5.52
CA TRP A 195 1.22 -14.58 -4.92
C TRP A 195 -0.23 -14.89 -5.23
N MET A 196 -0.88 -14.03 -6.02
CA MET A 196 -2.30 -14.20 -6.31
C MET A 196 -2.56 -15.25 -7.38
N ALA A 197 -3.56 -16.09 -7.11
CA ALA A 197 -4.03 -17.10 -8.04
C ALA A 197 -4.74 -16.43 -9.23
N PRO A 198 -4.72 -17.10 -10.39
CA PRO A 198 -5.30 -16.59 -11.64
C PRO A 198 -6.79 -16.26 -11.47
N GLU A 199 -7.52 -17.14 -10.80
CA GLU A 199 -8.98 -17.04 -10.70
C GLU A 199 -9.40 -15.84 -9.83
N VAL A 200 -8.44 -15.25 -9.15
CA VAL A 200 -8.71 -14.18 -8.21
C VAL A 200 -8.64 -12.80 -8.90
N ILE A 201 -8.19 -12.81 -10.14
CA ILE A 201 -7.90 -11.60 -10.91
C ILE A 201 -8.94 -11.46 -12.02
N ALA A 202 -9.86 -10.50 -11.88
CA ALA A 202 -10.97 -10.43 -12.84
C ALA A 202 -10.50 -10.09 -14.26
N CYS A 203 -11.09 -10.79 -15.24
CA CYS A 203 -10.88 -10.46 -16.65
C CYS A 203 -12.15 -10.77 -17.45
N ASP A 204 -12.14 -10.53 -18.75
CA ASP A 204 -13.34 -10.71 -19.56
C ASP A 204 -14.06 -12.03 -19.25
N GLU A 205 -13.34 -13.14 -19.39
CA GLU A 205 -13.92 -14.46 -19.17
C GLU A 205 -14.16 -14.73 -17.70
N ASN A 206 -13.58 -13.89 -16.84
CA ASN A 206 -13.66 -14.08 -15.40
C ASN A 206 -14.06 -12.82 -14.67
N PRO A 207 -15.25 -12.28 -14.99
CA PRO A 207 -15.74 -10.96 -14.57
C PRO A 207 -15.97 -10.79 -13.07
N ASP A 208 -16.45 -11.81 -12.38
CA ASP A 208 -16.69 -11.70 -10.94
C ASP A 208 -15.58 -12.31 -10.08
N ALA A 209 -14.66 -13.00 -10.74
CA ALA A 209 -13.42 -13.46 -10.14
C ALA A 209 -13.44 -13.38 -8.64
N THR A 210 -13.53 -14.54 -7.99
CA THR A 210 -13.68 -14.60 -6.54
C THR A 210 -12.63 -15.52 -5.91
N TYR A 211 -12.53 -15.45 -4.59
CA TYR A 211 -11.68 -16.40 -3.90
C TYR A 211 -12.34 -17.77 -3.77
N ASP A 212 -11.51 -18.80 -3.73
CA ASP A 212 -11.94 -20.15 -3.47
C ASP A 212 -10.88 -20.63 -2.52
N TYR A 213 -11.19 -21.60 -1.66
CA TYR A 213 -10.20 -22.07 -0.71
C TYR A 213 -8.94 -22.50 -1.45
N ARG A 214 -9.10 -22.97 -2.68
CA ARG A 214 -7.95 -23.43 -3.42
C ARG A 214 -7.06 -22.28 -3.89
N SER A 215 -7.58 -21.06 -3.85
CA SER A 215 -6.75 -19.85 -4.07
C SER A 215 -5.53 -19.79 -3.14
N ASP A 216 -5.69 -20.17 -1.88
CA ASP A 216 -4.55 -20.23 -0.95
C ASP A 216 -3.48 -21.28 -1.34
N LEU A 217 -3.89 -22.36 -1.98
CA LEU A 217 -2.93 -23.40 -2.31
C LEU A 217 -1.99 -22.94 -3.42
N TRP A 218 -2.54 -22.25 -4.43
CA TRP A 218 -1.71 -21.55 -5.41
C TRP A 218 -0.68 -20.66 -4.70
N SER A 219 -1.14 -19.81 -3.78
CA SER A 219 -0.23 -18.94 -3.02
C SER A 219 0.88 -19.67 -2.25
N CYS A 220 0.53 -20.82 -1.67
N CYS A 220 0.52 -20.83 -1.67
CA CYS A 220 1.53 -21.65 -0.99
CA CYS A 220 1.49 -21.72 -1.04
C CYS A 220 2.61 -22.16 -1.95
C CYS A 220 2.61 -22.04 -2.01
N GLY A 221 2.21 -22.51 -3.18
CA GLY A 221 3.15 -22.91 -4.21
C GLY A 221 4.09 -21.80 -4.60
N ILE A 222 3.54 -20.59 -4.73
CA ILE A 222 4.36 -19.42 -5.05
C ILE A 222 5.34 -19.13 -3.90
N THR A 223 4.85 -19.26 -2.68
CA THR A 223 5.67 -19.09 -1.48
C THR A 223 6.78 -20.15 -1.46
N ALA A 224 6.49 -21.34 -1.99
CA ALA A 224 7.51 -22.38 -1.99
C ALA A 224 8.59 -22.01 -2.99
N ILE A 225 8.20 -21.46 -4.14
CA ILE A 225 9.19 -21.04 -5.13
C ILE A 225 10.05 -19.92 -4.58
N GLU A 226 9.41 -19.06 -3.79
CA GLU A 226 10.09 -17.91 -3.19
C GLU A 226 11.13 -18.43 -2.20
N MET A 227 10.79 -19.46 -1.45
CA MET A 227 11.79 -20.07 -0.58
C MET A 227 12.94 -20.68 -1.38
N ALA A 228 12.64 -21.24 -2.54
CA ALA A 228 13.68 -21.89 -3.34
C ALA A 228 14.57 -20.89 -4.06
N GLU A 229 13.97 -19.82 -4.59
CA GLU A 229 14.75 -18.91 -5.42
C GLU A 229 14.98 -17.52 -4.82
N GLY A 230 14.32 -17.21 -3.71
CA GLY A 230 14.50 -15.91 -3.10
C GLY A 230 13.59 -14.83 -3.66
N ALA A 231 12.78 -15.19 -4.65
CA ALA A 231 11.78 -14.26 -5.17
C ALA A 231 10.66 -15.02 -5.89
N PRO A 232 9.45 -14.46 -5.89
CA PRO A 232 8.34 -15.07 -6.63
C PRO A 232 8.57 -14.98 -8.13
N PRO A 233 7.88 -15.81 -8.91
CA PRO A 233 7.88 -15.67 -10.37
C PRO A 233 7.39 -14.28 -10.76
N LEU A 234 7.84 -13.78 -11.90
CA LEU A 234 7.49 -12.46 -12.42
C LEU A 234 8.06 -11.32 -11.59
N CYS A 235 9.02 -11.63 -10.72
CA CYS A 235 9.58 -10.63 -9.82
C CYS A 235 10.30 -9.49 -10.58
N ASP A 236 10.81 -9.79 -11.77
CA ASP A 236 11.42 -8.75 -12.60
C ASP A 236 10.39 -7.88 -13.33
N MET A 237 9.11 -8.15 -13.16
CA MET A 237 8.11 -7.33 -13.84
C MET A 237 7.36 -6.35 -12.95
N HIS A 238 6.91 -5.25 -13.54
CA HIS A 238 6.04 -4.31 -12.87
C HIS A 238 4.81 -5.03 -12.30
N PRO A 239 4.44 -4.71 -11.05
CA PRO A 239 3.30 -5.37 -10.41
C PRO A 239 2.04 -5.35 -11.25
N MET A 240 1.74 -4.23 -11.90
CA MET A 240 0.55 -4.13 -12.73
C MET A 240 0.62 -5.08 -13.91
N ARG A 241 1.82 -5.21 -14.48
CA ARG A 241 2.00 -6.13 -15.60
C ARG A 241 1.92 -7.61 -15.15
N ALA A 242 2.39 -7.89 -13.94
CA ALA A 242 2.22 -9.22 -13.36
C ALA A 242 0.74 -9.57 -13.19
N LEU A 243 -0.04 -8.57 -12.80
CA LEU A 243 -1.49 -8.74 -12.69
C LEU A 243 -2.08 -9.21 -14.01
N PHE A 244 -1.62 -8.62 -15.11
CA PHE A 244 -2.08 -8.98 -16.45
C PHE A 244 -1.59 -10.39 -16.87
N LEU A 245 -0.34 -10.71 -16.58
CA LEU A 245 0.25 -11.99 -17.01
C LEU A 245 -0.22 -13.26 -16.28
N ILE A 246 -0.48 -13.17 -14.98
CA ILE A 246 -0.80 -14.37 -14.21
C ILE A 246 -1.98 -15.18 -14.77
N PRO A 247 -3.07 -14.49 -15.13
CA PRO A 247 -4.18 -15.28 -15.64
C PRO A 247 -3.88 -15.87 -17.02
N ARG A 248 -2.90 -15.31 -17.71
CA ARG A 248 -2.56 -15.78 -19.07
C ARG A 248 -1.38 -16.76 -19.11
N ASN A 249 -0.45 -16.64 -18.17
CA ASN A 249 0.73 -17.50 -18.20
C ASN A 249 0.48 -18.96 -17.81
N PRO A 250 1.31 -19.87 -18.31
CA PRO A 250 1.18 -21.22 -17.77
C PRO A 250 1.66 -21.23 -16.31
N PRO A 251 1.38 -22.31 -15.58
CA PRO A 251 1.90 -22.44 -14.21
C PRO A 251 3.41 -22.13 -14.14
N PRO A 252 3.82 -21.27 -13.20
CA PRO A 252 5.25 -21.04 -12.97
C PRO A 252 6.01 -22.32 -12.66
N ARG A 253 7.30 -22.33 -12.95
CA ARG A 253 8.19 -23.46 -12.70
C ARG A 253 9.47 -23.03 -11.99
N LEU A 254 10.00 -23.90 -11.14
CA LEU A 254 11.35 -23.73 -10.62
C LEU A 254 12.34 -23.64 -11.77
N LYS A 255 13.29 -22.72 -11.67
CA LYS A 255 14.26 -22.51 -12.74
C LYS A 255 15.42 -23.50 -12.80
N SER A 256 15.85 -24.03 -11.65
CA SER A 256 16.95 -24.99 -11.61
C SER A 256 16.44 -26.42 -11.57
N LYS A 257 17.21 -27.35 -12.13
CA LYS A 257 16.82 -28.76 -12.17
C LYS A 257 17.37 -29.59 -11.01
N LYS A 258 18.08 -28.92 -10.09
CA LYS A 258 18.73 -29.59 -8.96
C LYS A 258 17.72 -30.16 -7.97
N TRP A 259 16.53 -29.56 -7.94
CA TRP A 259 15.50 -29.95 -7.00
C TRP A 259 15.04 -31.36 -7.28
N SER A 260 14.49 -32.01 -6.27
CA SER A 260 14.02 -33.38 -6.39
C SER A 260 12.72 -33.49 -7.19
N LYS A 261 12.48 -34.68 -7.72
CA LYS A 261 11.24 -34.97 -8.41
C LYS A 261 10.06 -34.66 -7.51
N LYS A 262 10.17 -34.99 -6.23
CA LYS A 262 9.14 -34.70 -5.24
C LYS A 262 8.83 -33.20 -5.10
N PHE A 263 9.86 -32.37 -5.08
CA PHE A 263 9.67 -30.93 -4.94
C PHE A 263 8.94 -30.37 -6.18
N PHE A 264 9.43 -30.74 -7.37
CA PHE A 264 8.78 -30.37 -8.62
C PHE A 264 7.32 -30.76 -8.64
N SER A 265 6.99 -31.93 -8.12
CA SER A 265 5.63 -32.43 -8.22
C SER A 265 4.72 -31.65 -7.26
N PHE A 266 5.25 -31.32 -6.08
CA PHE A 266 4.50 -30.49 -5.15
C PHE A 266 4.20 -29.08 -5.69
N ILE A 267 5.19 -28.45 -6.30
CA ILE A 267 5.00 -27.17 -6.99
C ILE A 267 3.93 -27.31 -8.07
N GLU A 268 3.99 -28.37 -8.86
CA GLU A 268 2.99 -28.60 -9.89
C GLU A 268 1.60 -28.70 -9.28
N GLY A 269 1.50 -29.35 -8.12
CA GLY A 269 0.21 -29.52 -7.46
C GLY A 269 -0.39 -28.19 -6.98
N CYS A 270 0.43 -27.40 -6.31
CA CYS A 270 -0.02 -26.10 -5.83
C CYS A 270 -0.44 -25.23 -6.99
N LEU A 271 0.29 -25.35 -8.10
CA LEU A 271 0.17 -24.38 -9.18
C LEU A 271 -0.65 -24.89 -10.35
N VAL A 272 -1.70 -25.65 -10.06
CA VAL A 272 -2.59 -26.10 -11.13
C VAL A 272 -3.35 -24.85 -11.61
N LYS A 273 -3.17 -24.49 -12.88
CA LYS A 273 -3.73 -23.28 -13.51
C LYS A 273 -5.22 -23.07 -13.21
N ASN A 274 -6.03 -24.03 -13.64
CA ASN A 274 -7.47 -24.04 -13.35
C ASN A 274 -7.74 -24.63 -11.97
N TYR A 275 -8.32 -23.81 -11.09
CA TYR A 275 -8.49 -24.16 -9.69
C TYR A 275 -9.48 -25.32 -9.52
N MET A 276 -10.35 -25.52 -10.50
CA MET A 276 -11.30 -26.65 -10.48
C MET A 276 -10.60 -28.02 -10.36
N GLN A 277 -9.39 -28.14 -10.89
CA GLN A 277 -8.67 -29.39 -10.77
C GLN A 277 -7.47 -29.25 -9.84
N ARG A 278 -7.40 -28.12 -9.12
CA ARG A 278 -6.36 -27.94 -8.12
C ARG A 278 -6.70 -28.82 -6.93
N PRO A 279 -5.67 -29.47 -6.37
CA PRO A 279 -5.90 -30.37 -5.23
C PRO A 279 -6.38 -29.59 -4.01
N SER A 280 -7.12 -30.24 -3.12
CA SER A 280 -7.56 -29.60 -1.88
C SER A 280 -6.38 -29.50 -0.94
N THR A 281 -6.60 -28.83 0.19
CA THR A 281 -5.56 -28.75 1.21
C THR A 281 -5.25 -30.13 1.81
N GLU A 282 -6.28 -30.94 2.01
CA GLU A 282 -6.03 -32.27 2.57
C GLU A 282 -5.21 -33.12 1.61
N GLN A 283 -5.46 -32.97 0.32
CA GLN A 283 -4.66 -33.73 -0.66
C GLN A 283 -3.19 -33.33 -0.66
N LEU A 284 -2.92 -32.03 -0.62
CA LEU A 284 -1.53 -31.58 -0.62
C LEU A 284 -0.79 -32.01 0.65
N LEU A 285 -1.54 -32.15 1.75
CA LEU A 285 -0.97 -32.61 3.01
C LEU A 285 -0.52 -34.08 2.90
N LYS A 286 -1.21 -34.84 2.04
CA LYS A 286 -0.82 -36.21 1.72
C LYS A 286 0.15 -36.33 0.54
N HIS A 287 0.72 -35.21 0.09
CA HIS A 287 1.69 -35.27 -1.01
C HIS A 287 3.05 -35.68 -0.46
N PRO A 288 3.75 -36.58 -1.17
CA PRO A 288 5.00 -37.17 -0.66
C PRO A 288 6.00 -36.14 -0.20
N PHE A 289 5.99 -34.96 -0.82
CA PHE A 289 6.95 -33.90 -0.45
C PHE A 289 6.65 -33.36 0.93
N ILE A 290 5.37 -33.31 1.28
CA ILE A 290 4.92 -32.80 2.57
C ILE A 290 4.81 -33.93 3.58
N ARG A 291 4.07 -34.96 3.19
CA ARG A 291 3.75 -36.09 4.04
C ARG A 291 4.98 -36.84 4.54
N ASP A 292 5.89 -37.19 3.64
CA ASP A 292 7.07 -37.95 4.04
C ASP A 292 8.23 -37.04 4.40
N GLN A 293 8.40 -36.75 5.68
CA GLN A 293 9.54 -35.96 6.15
C GLN A 293 10.30 -36.63 7.30
N PRO A 294 11.44 -37.27 6.96
CA PRO A 294 12.38 -38.00 7.82
C PRO A 294 13.25 -37.13 8.75
N ASN A 295 13.91 -36.10 8.21
CA ASN A 295 14.84 -35.28 8.99
C ASN A 295 14.20 -34.12 9.77
N GLU A 296 12.89 -34.19 9.98
CA GLU A 296 12.15 -33.13 10.66
C GLU A 296 12.91 -32.55 11.84
N ARG A 297 13.23 -33.41 12.81
CA ARG A 297 13.89 -33.00 14.04
C ARG A 297 15.09 -32.10 13.76
N GLN A 298 15.96 -32.55 12.86
CA GLN A 298 17.20 -31.81 12.59
C GLN A 298 16.93 -30.52 11.82
N VAL A 299 15.82 -30.51 11.08
CA VAL A 299 15.42 -29.31 10.35
C VAL A 299 15.15 -28.22 11.36
N ARG A 300 14.30 -28.56 12.33
CA ARG A 300 13.96 -27.68 13.43
C ARG A 300 15.21 -27.07 14.04
N ILE A 301 16.16 -27.92 14.39
CA ILE A 301 17.42 -27.50 14.97
C ILE A 301 18.19 -26.61 14.01
N GLN A 302 18.27 -27.01 12.75
CA GLN A 302 18.97 -26.21 11.77
C GLN A 302 18.32 -24.83 11.69
N LEU A 303 16.99 -24.82 11.68
CA LEU A 303 16.24 -23.56 11.66
C LEU A 303 16.52 -22.74 12.90
N LYS A 304 16.32 -23.37 14.06
CA LYS A 304 16.62 -22.74 15.33
C LYS A 304 17.98 -22.05 15.29
N ASP A 305 19.01 -22.77 14.87
CA ASP A 305 20.38 -22.25 14.90
C ASP A 305 20.60 -21.12 13.88
N HIS A 306 20.00 -21.27 12.71
CA HIS A 306 20.10 -20.22 11.69
C HIS A 306 19.54 -18.90 12.17
N ILE A 307 18.39 -18.95 12.84
CA ILE A 307 17.75 -17.76 13.37
C ILE A 307 18.68 -17.00 14.31
N ASP A 308 19.29 -17.72 15.25
CA ASP A 308 20.18 -17.11 16.22
C ASP A 308 21.35 -16.41 15.53
N ARG A 309 21.98 -17.11 14.59
CA ARG A 309 23.11 -16.56 13.86
C ARG A 309 22.80 -15.20 13.23
N THR A 310 21.59 -15.07 12.68
CA THR A 310 21.23 -13.87 11.93
C THR A 310 20.84 -12.71 12.84
N ARG A 311 20.16 -13.01 13.95
CA ARG A 311 19.85 -11.98 14.92
C ARG A 311 21.16 -11.28 15.28
N LYS A 312 22.22 -12.08 15.37
CA LYS A 312 23.56 -11.60 15.66
C LYS A 312 24.47 -11.71 14.44
N ILE B 14 20.30 23.17 -0.72
CA ILE B 14 19.35 22.41 -1.53
C ILE B 14 20.04 21.78 -2.74
N ASP B 15 20.15 20.44 -2.75
CA ASP B 15 20.81 19.73 -3.85
C ASP B 15 19.98 18.52 -4.30
N LEU B 16 19.69 18.46 -5.60
CA LEU B 16 18.76 17.46 -6.13
C LEU B 16 19.41 16.40 -7.02
N SER B 17 20.73 16.28 -6.94
CA SER B 17 21.45 15.29 -7.73
C SER B 17 22.37 14.45 -6.84
N SER B 18 22.48 14.87 -5.59
CA SER B 18 23.35 14.18 -4.63
C SER B 18 22.56 13.25 -3.74
N LEU B 19 23.23 12.72 -2.71
CA LEU B 19 22.64 11.73 -1.81
C LEU B 19 23.54 11.57 -0.57
N ARG B 20 23.59 12.64 0.23
CA ARG B 20 24.44 12.70 1.41
C ARG B 20 23.73 12.16 2.63
N ASP B 21 24.49 11.90 3.69
CA ASP B 21 23.92 11.68 5.01
C ASP B 21 23.28 13.01 5.44
N PRO B 22 22.14 12.96 6.15
CA PRO B 22 21.43 14.18 6.50
C PRO B 22 21.92 14.78 7.81
N ALA B 23 22.91 14.11 8.43
CA ALA B 23 23.48 14.53 9.71
C ALA B 23 24.00 15.98 9.70
N GLY B 24 23.47 16.78 10.62
CA GLY B 24 23.87 18.18 10.73
C GLY B 24 23.28 19.05 9.65
N ILE B 25 22.35 18.50 8.88
CA ILE B 25 21.75 19.22 7.76
C ILE B 25 20.24 19.34 7.96
N PHE B 26 19.58 18.20 7.99
CA PHE B 26 18.18 18.15 8.36
C PHE B 26 18.10 17.23 9.55
N GLU B 27 17.10 17.44 10.37
CA GLU B 27 16.88 16.61 11.55
C GLU B 27 15.37 16.41 11.71
N LEU B 28 14.99 15.26 12.28
CA LEU B 28 13.59 14.95 12.52
C LEU B 28 13.17 15.52 13.87
N VAL B 29 11.94 16.04 13.96
CA VAL B 29 11.49 16.60 15.22
C VAL B 29 10.23 15.91 15.76
N GLU B 30 9.38 15.42 14.86
CA GLU B 30 8.18 14.69 15.27
C GLU B 30 7.43 14.11 14.09
N VAL B 31 6.83 12.94 14.27
CA VAL B 31 6.05 12.32 13.22
C VAL B 31 4.80 13.15 12.97
N VAL B 32 4.55 13.48 11.71
CA VAL B 32 3.43 14.36 11.36
C VAL B 32 2.25 13.56 10.81
N GLY B 33 2.54 12.45 10.15
CA GLY B 33 1.50 11.57 9.66
C GLY B 33 2.04 10.35 8.93
N ASN B 34 1.15 9.68 8.22
CA ASN B 34 1.56 8.55 7.41
C ASN B 34 1.21 8.74 5.95
N GLY B 35 2.24 8.88 5.12
CA GLY B 35 2.04 9.01 3.70
C GLY B 35 2.13 7.66 3.04
N THR B 36 2.15 7.66 1.70
CA THR B 36 2.35 6.42 0.96
C THR B 36 3.86 6.19 0.77
N TYR B 37 4.43 5.25 1.53
CA TYR B 37 3.71 4.47 2.52
C TYR B 37 4.43 4.60 3.86
N GLY B 38 5.63 5.20 3.82
CA GLY B 38 6.42 5.39 5.02
C GLY B 38 5.96 6.57 5.85
N GLN B 39 6.66 6.81 6.95
CA GLN B 39 6.27 7.87 7.86
C GLN B 39 6.72 9.25 7.40
N VAL B 40 5.87 10.24 7.65
CA VAL B 40 6.21 11.62 7.35
C VAL B 40 6.48 12.35 8.66
N TYR B 41 7.67 12.92 8.80
CA TYR B 41 8.01 13.71 9.99
C TYR B 41 7.97 15.20 9.73
N LYS B 42 7.78 15.96 10.79
CA LYS B 42 8.14 17.36 10.78
C LYS B 42 9.65 17.35 10.95
N GLY B 43 10.36 18.11 10.12
CA GLY B 43 11.80 18.22 10.22
C GLY B 43 12.22 19.67 10.07
N ARG B 44 13.42 20.00 10.50
CA ARG B 44 13.98 21.32 10.20
C ARG B 44 15.42 21.26 9.72
N HIS B 45 15.71 22.10 8.75
CA HIS B 45 17.05 22.30 8.28
C HIS B 45 17.84 22.92 9.43
N VAL B 46 18.93 22.28 9.81
CA VAL B 46 19.72 22.76 10.93
C VAL B 46 20.12 24.23 10.80
N LYS B 47 20.78 24.58 9.71
CA LYS B 47 21.41 25.89 9.59
C LYS B 47 20.45 27.05 9.38
N THR B 48 19.32 26.83 8.73
CA THR B 48 18.33 27.90 8.60
C THR B 48 17.18 27.78 9.61
N GLY B 49 16.96 26.59 10.14
CA GLY B 49 15.82 26.36 11.02
C GLY B 49 14.52 26.23 10.25
N GLN B 50 14.61 26.10 8.94
CA GLN B 50 13.42 26.00 8.10
C GLN B 50 12.70 24.66 8.27
N LEU B 51 11.39 24.73 8.46
CA LEU B 51 10.55 23.53 8.55
C LEU B 51 10.42 22.82 7.21
N ALA B 52 10.29 21.50 7.28
CA ALA B 52 10.14 20.70 6.09
C ALA B 52 9.40 19.43 6.48
N ALA B 53 8.75 18.82 5.49
CA ALA B 53 8.19 17.49 5.70
C ALA B 53 9.23 16.49 5.23
N ILE B 54 9.50 15.49 6.05
CA ILE B 54 10.44 14.47 5.63
C ILE B 54 9.80 13.09 5.61
N LYS B 55 9.86 12.42 4.46
CA LYS B 55 9.37 11.06 4.33
C LYS B 55 10.56 10.12 4.51
N VAL B 56 10.40 9.16 5.41
CA VAL B 56 11.51 8.31 5.82
C VAL B 56 11.22 6.86 5.44
N MET B 57 12.23 6.17 4.91
CA MET B 57 12.04 4.80 4.41
C MET B 57 13.30 3.96 4.58
N ASP B 58 13.13 2.76 5.12
CA ASP B 58 14.24 1.81 5.15
C ASP B 58 14.56 1.29 3.74
N VAL B 59 15.84 1.20 3.43
CA VAL B 59 16.29 0.70 2.14
C VAL B 59 17.48 -0.23 2.36
N THR B 60 17.61 -1.26 1.53
CA THR B 60 18.75 -2.16 1.62
C THR B 60 19.96 -1.58 0.92
N GLU B 61 21.14 -2.02 1.32
CA GLU B 61 22.38 -1.58 0.71
C GLU B 61 22.27 -1.66 -0.81
N ASP B 62 21.76 -2.77 -1.31
CA ASP B 62 21.71 -3.04 -2.74
C ASP B 62 20.72 -2.14 -3.48
N GLU B 63 19.70 -1.67 -2.76
CA GLU B 63 18.73 -0.73 -3.32
C GLU B 63 19.38 0.61 -3.62
N GLU B 64 20.52 0.87 -2.98
CA GLU B 64 21.11 2.20 -3.02
C GLU B 64 21.80 2.50 -4.34
N GLU B 65 22.19 1.45 -5.07
CA GLU B 65 22.71 1.62 -6.42
C GLU B 65 21.59 1.94 -7.39
N GLU B 66 20.42 1.34 -7.13
CA GLU B 66 19.22 1.63 -7.91
C GLU B 66 18.80 3.07 -7.69
N ILE B 67 18.86 3.53 -6.45
CA ILE B 67 18.47 4.88 -6.12
C ILE B 67 19.31 5.87 -6.89
N LYS B 68 20.60 5.58 -7.00
CA LYS B 68 21.53 6.46 -7.70
C LYS B 68 21.12 6.62 -9.15
N LEU B 69 20.84 5.49 -9.80
CA LEU B 69 20.37 5.53 -11.18
C LEU B 69 19.12 6.40 -11.31
N GLU B 70 18.22 6.32 -10.34
CA GLU B 70 16.96 7.02 -10.46
C GLU B 70 17.12 8.52 -10.26
N ILE B 71 18.16 8.90 -9.53
CA ILE B 71 18.40 10.32 -9.29
C ILE B 71 18.95 10.97 -10.56
N ASN B 72 19.73 10.20 -11.30
CA ASN B 72 20.20 10.61 -12.61
C ASN B 72 19.06 10.84 -13.60
N MET B 73 17.93 10.18 -13.36
CA MET B 73 16.81 10.25 -14.28
C MET B 73 15.90 11.39 -13.91
N LEU B 74 16.16 12.00 -12.76
CA LEU B 74 15.39 13.15 -12.30
C LEU B 74 15.38 14.26 -13.34
N LYS B 75 14.21 14.86 -13.54
CA LYS B 75 14.13 16.05 -14.37
C LYS B 75 14.06 17.26 -13.48
N LYS B 76 14.62 18.36 -13.95
CA LYS B 76 14.74 19.58 -13.17
C LYS B 76 13.58 20.55 -13.47
N TYR B 77 12.99 21.11 -12.44
CA TYR B 77 12.01 22.16 -12.63
C TYR B 77 12.03 23.07 -11.41
N SER B 78 11.63 24.32 -11.59
CA SER B 78 11.76 25.32 -10.53
C SER B 78 10.57 25.33 -9.57
N HIS B 79 10.70 26.15 -8.52
CA HIS B 79 9.64 26.37 -7.56
C HIS B 79 8.34 26.79 -8.25
N HIS B 80 7.23 26.56 -7.57
CA HIS B 80 5.94 27.02 -8.08
C HIS B 80 4.93 27.06 -6.94
N ARG B 81 4.06 28.06 -6.97
CA ARG B 81 3.17 28.33 -5.84
C ARG B 81 2.13 27.24 -5.60
N ASN B 82 1.94 26.37 -6.59
CA ASN B 82 1.01 25.25 -6.43
C ASN B 82 1.69 23.88 -6.33
N ILE B 83 2.98 23.87 -6.04
CA ILE B 83 3.68 22.61 -5.78
C ILE B 83 4.53 22.72 -4.53
N ALA B 84 4.20 21.92 -3.52
CA ALA B 84 5.09 21.77 -2.36
C ALA B 84 6.49 21.44 -2.83
N THR B 85 7.43 22.34 -2.59
CA THR B 85 8.78 22.21 -3.15
C THR B 85 9.52 20.96 -2.67
N TYR B 86 10.01 20.18 -3.63
CA TYR B 86 10.86 19.04 -3.35
C TYR B 86 12.30 19.50 -3.12
N TYR B 87 12.84 19.24 -1.94
CA TYR B 87 14.18 19.72 -1.58
C TYR B 87 15.33 18.77 -1.87
N GLY B 88 15.03 17.48 -1.98
CA GLY B 88 16.06 16.52 -2.30
C GLY B 88 16.03 15.30 -1.42
N ALA B 89 17.00 14.43 -1.62
CA ALA B 89 17.02 13.13 -0.98
C ALA B 89 18.31 12.92 -0.20
N PHE B 90 18.21 12.12 0.85
CA PHE B 90 19.33 11.82 1.73
C PHE B 90 19.31 10.34 2.14
N ILE B 91 20.49 9.77 2.33
CA ILE B 91 20.59 8.45 2.90
C ILE B 91 21.28 8.54 4.25
N LYS B 92 20.52 8.29 5.31
CA LYS B 92 21.07 8.17 6.65
C LYS B 92 21.63 6.76 6.86
N LYS B 93 22.92 6.69 7.16
CA LYS B 93 23.55 5.39 7.32
C LYS B 93 23.31 4.80 8.70
N SER B 94 22.94 3.53 8.71
CA SER B 94 22.89 2.74 9.93
C SER B 94 24.16 1.90 9.96
N PRO B 95 24.52 1.40 11.15
CA PRO B 95 25.68 0.52 11.22
C PRO B 95 25.58 -0.60 10.17
N PRO B 96 26.73 -1.09 9.66
CA PRO B 96 26.79 -2.11 8.61
C PRO B 96 25.94 -3.33 8.92
N GLY B 97 25.37 -3.95 7.88
CA GLY B 97 24.40 -5.01 8.07
C GLY B 97 23.00 -4.43 8.17
N HIS B 98 22.83 -3.51 9.12
CA HIS B 98 21.57 -2.78 9.31
C HIS B 98 21.16 -1.97 8.07
N ASP B 99 19.85 -1.96 7.81
CA ASP B 99 19.31 -1.20 6.70
C ASP B 99 19.36 0.30 6.98
N ASP B 100 19.68 1.07 5.94
CA ASP B 100 19.75 2.51 6.03
C ASP B 100 18.36 3.13 5.84
N GLN B 101 18.28 4.45 5.97
CA GLN B 101 17.04 5.15 5.69
C GLN B 101 17.21 6.13 4.53
N LEU B 102 16.25 6.12 3.62
CA LEU B 102 16.18 7.16 2.62
C LEU B 102 15.33 8.26 3.20
N TRP B 103 15.79 9.51 3.08
CA TRP B 103 14.98 10.65 3.48
C TRP B 103 14.62 11.48 2.24
N LEU B 104 13.34 11.76 2.08
CA LEU B 104 12.88 12.65 1.02
C LEU B 104 12.32 13.90 1.66
N VAL B 105 12.88 15.05 1.28
CA VAL B 105 12.60 16.30 1.98
C VAL B 105 11.74 17.20 1.10
N MET B 106 10.69 17.75 1.69
CA MET B 106 9.75 18.56 0.95
C MET B 106 9.23 19.71 1.80
N GLU B 107 8.84 20.79 1.13
CA GLU B 107 8.28 21.96 1.78
C GLU B 107 7.13 21.56 2.71
N PHE B 108 7.14 22.08 3.93
CA PHE B 108 6.11 21.80 4.93
C PHE B 108 4.85 22.65 4.74
N CYS B 109 3.69 21.99 4.71
CA CYS B 109 2.38 22.66 4.69
C CYS B 109 1.53 22.17 5.85
N GLY B 110 1.10 23.09 6.71
CA GLY B 110 0.52 22.69 7.97
C GLY B 110 -1.00 22.60 8.08
N ALA B 111 -1.73 22.80 6.98
CA ALA B 111 -3.19 22.91 7.09
C ALA B 111 -3.96 21.69 6.57
N GLY B 112 -3.29 20.55 6.48
CA GLY B 112 -3.94 19.33 6.05
C GLY B 112 -4.23 19.22 4.55
N SER B 113 -4.88 18.13 4.17
CA SER B 113 -5.17 17.88 2.77
C SER B 113 -6.62 18.25 2.43
N ILE B 114 -6.87 18.33 1.14
CA ILE B 114 -8.22 18.52 0.65
C ILE B 114 -9.13 17.39 1.12
N THR B 115 -8.59 16.19 1.30
CA THR B 115 -9.42 15.10 1.80
C THR B 115 -9.85 15.37 3.26
N ASP B 116 -8.90 15.78 4.10
CA ASP B 116 -9.25 16.24 5.44
C ASP B 116 -10.35 17.30 5.33
N LEU B 117 -10.17 18.23 4.40
CA LEU B 117 -11.11 19.34 4.27
C LEU B 117 -12.54 18.89 3.99
N VAL B 118 -12.73 18.03 2.99
CA VAL B 118 -14.09 17.61 2.66
C VAL B 118 -14.69 16.66 3.70
N LYS B 119 -13.85 15.85 4.35
CA LYS B 119 -14.33 14.90 5.36
C LYS B 119 -14.83 15.61 6.62
N ASN B 120 -14.31 16.81 6.87
CA ASN B 120 -14.71 17.61 8.03
C ASN B 120 -15.83 18.61 7.74
N THR B 121 -16.65 18.32 6.75
CA THR B 121 -17.83 19.14 6.50
C THR B 121 -19.09 18.36 6.83
N LYS B 122 -20.20 19.08 6.91
CA LYS B 122 -21.50 18.43 6.98
C LYS B 122 -21.81 17.87 5.60
N GLY B 123 -22.24 16.62 5.55
CA GLY B 123 -22.63 16.00 4.29
C GLY B 123 -21.49 15.66 3.34
N ASN B 124 -20.25 15.82 3.80
CA ASN B 124 -19.06 15.51 2.98
C ASN B 124 -19.11 16.11 1.58
N THR B 125 -19.15 17.43 1.49
CA THR B 125 -19.31 18.10 0.20
C THR B 125 -18.85 19.56 0.27
N LEU B 126 -18.24 20.07 -0.80
CA LEU B 126 -17.78 21.45 -0.83
C LEU B 126 -18.63 22.24 -1.81
N LYS B 127 -18.74 23.56 -1.61
CA LYS B 127 -19.45 24.41 -2.55
C LYS B 127 -18.81 24.34 -3.92
N GLU B 128 -19.61 24.44 -4.98
CA GLU B 128 -19.08 24.40 -6.33
C GLU B 128 -17.99 25.46 -6.62
N ASP B 129 -18.12 26.65 -6.06
CA ASP B 129 -17.06 27.63 -6.32
C ASP B 129 -15.75 27.32 -5.58
N TRP B 130 -15.85 26.60 -4.46
CA TRP B 130 -14.65 26.05 -3.83
C TRP B 130 -13.96 25.01 -4.72
N ILE B 131 -14.76 24.12 -5.31
CA ILE B 131 -14.22 23.05 -6.12
C ILE B 131 -13.53 23.65 -7.34
N ALA B 132 -14.17 24.63 -7.94
CA ALA B 132 -13.59 25.31 -9.09
C ALA B 132 -12.25 25.95 -8.74
N TYR B 133 -12.17 26.55 -7.56
CA TYR B 133 -10.95 27.21 -7.13
C TYR B 133 -9.80 26.22 -6.87
N ILE B 134 -10.08 25.19 -6.08
CA ILE B 134 -9.07 24.16 -5.81
C ILE B 134 -8.64 23.42 -7.08
N SER B 135 -9.61 23.12 -7.95
CA SER B 135 -9.29 22.43 -9.19
C SER B 135 -8.35 23.24 -10.10
N ARG B 136 -8.51 24.55 -10.11
CA ARG B 136 -7.64 25.36 -10.96
C ARG B 136 -6.21 25.34 -10.43
N GLU B 137 -6.07 25.45 -9.11
CA GLU B 137 -4.75 25.41 -8.49
C GLU B 137 -4.06 24.09 -8.79
N ILE B 138 -4.80 22.99 -8.67
CA ILE B 138 -4.28 21.69 -9.07
C ILE B 138 -3.78 21.73 -10.51
N LEU B 139 -4.64 22.19 -11.42
CA LEU B 139 -4.29 22.28 -12.83
C LEU B 139 -3.07 23.16 -13.12
N ARG B 140 -2.90 24.23 -12.35
CA ARG B 140 -1.75 25.11 -12.55
C ARG B 140 -0.43 24.41 -12.19
N GLY B 141 -0.42 23.76 -11.03
CA GLY B 141 0.73 22.96 -10.61
C GLY B 141 1.06 21.89 -11.62
N LEU B 142 0.03 21.21 -12.12
CA LEU B 142 0.21 20.17 -13.12
C LEU B 142 0.76 20.73 -14.45
N ALA B 143 0.36 21.95 -14.78
CA ALA B 143 0.84 22.56 -16.01
C ALA B 143 2.36 22.75 -15.90
N HIS B 144 2.79 23.35 -14.80
CA HIS B 144 4.21 23.50 -14.53
C HIS B 144 4.96 22.16 -14.63
N LEU B 145 4.44 21.13 -14.00
CA LEU B 145 5.08 19.82 -14.10
C LEU B 145 5.14 19.32 -15.53
N HIS B 146 4.00 19.38 -16.20
CA HIS B 146 3.87 18.85 -17.55
C HIS B 146 4.74 19.57 -18.56
N ILE B 147 4.85 20.87 -18.42
CA ILE B 147 5.67 21.62 -19.36
C ILE B 147 7.16 21.26 -19.19
N HIS B 148 7.54 20.79 -18.01
CA HIS B 148 8.89 20.29 -17.83
C HIS B 148 9.02 18.77 -18.01
N HIS B 149 8.04 18.17 -18.68
CA HIS B 149 8.12 16.76 -19.07
C HIS B 149 8.00 15.80 -17.87
N VAL B 150 7.34 16.25 -16.80
CA VAL B 150 7.16 15.44 -15.59
C VAL B 150 5.70 15.08 -15.35
N ILE B 151 5.45 13.80 -15.05
CA ILE B 151 4.12 13.33 -14.67
C ILE B 151 4.01 13.23 -13.15
N HIS B 152 2.91 13.70 -12.58
CA HIS B 152 2.76 13.64 -11.13
C HIS B 152 2.44 12.22 -10.66
N ARG B 153 1.52 11.57 -11.35
CA ARG B 153 1.17 10.16 -11.14
C ARG B 153 0.28 9.84 -9.93
N ASP B 154 0.16 10.75 -8.98
CA ASP B 154 -0.65 10.44 -7.80
C ASP B 154 -1.56 11.57 -7.38
N ILE B 155 -2.26 12.14 -8.35
CA ILE B 155 -3.18 13.22 -8.06
C ILE B 155 -4.38 12.65 -7.32
N LYS B 156 -4.65 13.20 -6.16
CA LYS B 156 -5.81 12.85 -5.37
C LYS B 156 -5.88 13.77 -4.18
N GLY B 157 -7.04 13.80 -3.54
CA GLY B 157 -7.29 14.70 -2.42
C GLY B 157 -6.26 14.64 -1.32
N GLN B 158 -5.85 13.43 -0.97
CA GLN B 158 -4.82 13.26 0.04
C GLN B 158 -3.50 13.94 -0.33
N ASN B 159 -3.25 14.10 -1.63
CA ASN B 159 -1.98 14.63 -2.11
C ASN B 159 -2.07 16.09 -2.54
N VAL B 160 -3.17 16.71 -2.18
CA VAL B 160 -3.37 18.14 -2.41
C VAL B 160 -3.48 18.85 -1.06
N LEU B 161 -2.46 19.64 -0.74
CA LEU B 161 -2.35 20.18 0.62
C LEU B 161 -2.68 21.68 0.72
N LEU B 162 -3.00 22.10 1.94
CA LEU B 162 -3.28 23.51 2.23
C LEU B 162 -2.25 24.10 3.16
N THR B 163 -2.04 25.41 3.02
CA THR B 163 -1.22 26.14 3.96
C THR B 163 -2.11 26.89 4.92
N GLU B 164 -1.50 27.54 5.89
CA GLU B 164 -2.22 28.38 6.84
C GLU B 164 -2.77 29.60 6.12
N ASN B 165 -2.23 29.87 4.93
CA ASN B 165 -2.65 31.00 4.12
C ASN B 165 -3.69 30.63 3.06
N ALA B 166 -4.21 29.41 3.13
CA ALA B 166 -5.11 28.88 2.10
C ALA B 166 -4.48 28.80 0.69
N GLU B 167 -3.19 28.51 0.64
CA GLU B 167 -2.55 28.19 -0.64
C GLU B 167 -2.70 26.69 -0.92
N VAL B 168 -2.98 26.36 -2.17
CA VAL B 168 -3.18 24.98 -2.56
C VAL B 168 -1.92 24.45 -3.25
N LYS B 169 -1.37 23.36 -2.73
CA LYS B 169 -0.12 22.81 -3.26
C LYS B 169 -0.12 21.30 -3.40
N LEU B 170 0.48 20.82 -4.47
CA LEU B 170 0.60 19.40 -4.72
C LEU B 170 1.75 18.79 -3.89
N VAL B 171 1.51 17.63 -3.28
CA VAL B 171 2.59 16.87 -2.63
C VAL B 171 3.66 16.55 -3.66
N ASP B 172 4.92 16.84 -3.34
CA ASP B 172 6.02 16.47 -4.25
C ASP B 172 7.25 15.96 -3.50
N PHE B 173 7.28 14.65 -3.25
CA PHE B 173 8.43 14.01 -2.62
C PHE B 173 9.39 13.50 -3.69
N GLY B 174 9.44 14.19 -4.81
CA GLY B 174 10.32 13.82 -5.92
C GLY B 174 9.59 13.09 -7.05
N VAL B 175 8.51 13.68 -7.57
CA VAL B 175 7.66 12.98 -8.55
C VAL B 175 8.37 12.57 -9.84
N SER B 176 9.43 13.28 -10.16
CA SER B 176 10.20 12.94 -11.33
C SER B 176 10.79 11.50 -11.20
N ALA B 177 11.20 11.14 -9.99
CA ALA B 177 11.81 9.82 -9.74
C ALA B 177 10.90 8.78 -9.07
N GLN B 178 9.83 9.20 -8.42
CA GLN B 178 8.91 8.26 -7.80
C GLN B 178 9.63 7.35 -6.80
N LEU B 179 10.53 7.91 -6.01
CA LEU B 179 11.29 7.11 -5.05
C LEU B 179 10.40 6.59 -3.91
N ASP B 180 9.47 7.43 -3.45
CA ASP B 180 8.57 7.04 -2.38
C ASP B 180 7.65 5.89 -2.78
N ARG B 181 7.67 5.52 -4.05
CA ARG B 181 6.91 4.36 -4.52
C ARG B 181 7.75 3.16 -5.00
N THR B 182 9.07 3.29 -4.99
CA THR B 182 9.92 2.22 -5.53
C THR B 182 10.90 1.55 -4.57
N VAL B 183 11.25 2.22 -3.48
CA VAL B 183 12.29 1.72 -2.58
C VAL B 183 11.75 0.91 -1.41
N GLY B 184 12.54 -0.05 -0.95
CA GLY B 184 12.14 -0.90 0.16
C GLY B 184 10.93 -1.76 -0.16
N ARG B 185 10.88 -2.31 -1.38
CA ARG B 185 9.83 -3.25 -1.76
C ARG B 185 8.49 -2.57 -2.12
N ARG B 186 8.35 -1.28 -1.81
CA ARG B 186 7.16 -0.54 -2.19
C ARG B 186 6.88 -0.69 -3.69
N ASN B 187 7.91 -0.98 -4.45
CA ASN B 187 7.75 -1.16 -5.89
C ASN B 187 6.95 -2.41 -6.20
N THR B 188 6.82 -3.31 -5.23
CA THR B 188 6.05 -4.53 -5.44
C THR B 188 4.56 -4.32 -5.19
N PHE B 189 4.20 -3.18 -4.61
CA PHE B 189 2.82 -2.90 -4.23
C PHE B 189 2.03 -2.29 -5.37
N ILE B 190 0.80 -2.73 -5.50
CA ILE B 190 -0.20 -1.94 -6.18
C ILE B 190 -0.96 -1.27 -5.07
N GLY B 191 -1.11 0.04 -5.18
CA GLY B 191 -1.77 0.79 -4.14
C GLY B 191 -3.25 0.82 -4.39
N THR B 192 -3.84 1.99 -4.13
CA THR B 192 -5.28 2.19 -4.28
C THR B 192 -5.62 2.56 -5.73
N PRO B 193 -6.61 1.87 -6.31
CA PRO B 193 -7.00 2.00 -7.72
C PRO B 193 -7.95 3.16 -8.04
N TYR B 194 -8.60 3.75 -7.04
CA TYR B 194 -9.76 4.60 -7.30
C TYR B 194 -9.51 5.85 -8.17
N TRP B 195 -8.29 6.39 -8.13
CA TRP B 195 -8.02 7.63 -8.87
C TRP B 195 -7.27 7.32 -10.15
N MET B 196 -7.10 6.03 -10.45
CA MET B 196 -6.29 5.64 -11.59
C MET B 196 -7.04 5.82 -12.91
N ALA B 197 -6.32 6.32 -13.91
CA ALA B 197 -6.82 6.39 -15.29
C ALA B 197 -6.81 4.99 -15.94
N PRO B 198 -7.80 4.71 -16.81
CA PRO B 198 -7.93 3.42 -17.48
C PRO B 198 -6.59 2.93 -18.02
N GLU B 199 -5.80 3.83 -18.60
CA GLU B 199 -4.56 3.46 -19.28
C GLU B 199 -3.44 2.97 -18.37
N VAL B 200 -3.52 3.26 -17.07
CA VAL B 200 -2.52 2.75 -16.13
C VAL B 200 -2.91 1.36 -15.64
N ILE B 201 -4.13 0.94 -15.94
CA ILE B 201 -4.61 -0.36 -15.51
C ILE B 201 -4.51 -1.34 -16.67
N ALA B 202 -3.72 -2.38 -16.49
CA ALA B 202 -3.61 -3.36 -17.56
C ALA B 202 -4.83 -4.26 -17.51
N CYS B 203 -5.42 -4.49 -18.68
CA CYS B 203 -6.61 -5.33 -18.76
C CYS B 203 -6.52 -5.99 -20.12
N ASP B 204 -7.50 -6.83 -20.46
CA ASP B 204 -7.46 -7.58 -21.70
C ASP B 204 -7.11 -6.70 -22.90
N GLU B 205 -7.47 -5.43 -22.84
CA GLU B 205 -7.20 -4.51 -23.95
C GLU B 205 -6.00 -3.58 -23.68
N ASN B 206 -5.32 -3.77 -22.57
CA ASN B 206 -4.23 -2.89 -22.20
C ASN B 206 -3.10 -3.67 -21.59
N PRO B 207 -2.40 -4.45 -22.42
CA PRO B 207 -1.33 -5.34 -21.92
C PRO B 207 -0.23 -4.58 -21.20
N ASP B 208 0.18 -3.44 -21.74
CA ASP B 208 1.17 -2.60 -21.06
C ASP B 208 0.60 -1.27 -20.58
N ALA B 209 0.46 -1.16 -19.26
CA ALA B 209 -0.14 -0.01 -18.61
C ALA B 209 0.70 1.27 -18.70
N THR B 210 0.48 2.04 -19.76
CA THR B 210 1.17 3.31 -19.97
C THR B 210 0.77 4.41 -18.97
N TYR B 211 1.76 5.13 -18.44
CA TYR B 211 1.50 6.41 -17.77
C TYR B 211 1.78 7.54 -18.74
N ASP B 212 0.83 8.46 -18.84
CA ASP B 212 0.94 9.62 -19.71
C ASP B 212 0.66 10.84 -18.87
N TYR B 213 1.12 12.00 -19.33
CA TYR B 213 0.83 13.24 -18.64
C TYR B 213 -0.70 13.49 -18.54
N ARG B 214 -1.47 13.03 -19.50
CA ARG B 214 -2.92 13.18 -19.42
C ARG B 214 -3.58 12.27 -18.35
N SER B 215 -2.82 11.29 -17.86
CA SER B 215 -3.25 10.46 -16.75
C SER B 215 -3.58 11.30 -15.52
N ASP B 216 -2.79 12.35 -15.30
CA ASP B 216 -3.05 13.28 -14.20
C ASP B 216 -4.39 14.01 -14.35
N LEU B 217 -4.83 14.20 -15.58
CA LEU B 217 -6.04 14.97 -15.82
C LEU B 217 -7.26 14.14 -15.47
N TRP B 218 -7.22 12.86 -15.84
CA TRP B 218 -8.24 11.93 -15.35
C TRP B 218 -8.31 12.02 -13.83
N SER B 219 -7.17 11.86 -13.17
CA SER B 219 -7.12 11.90 -11.70
C SER B 219 -7.63 13.24 -11.14
N CYS B 220 -7.31 14.36 -11.80
CA CYS B 220 -7.86 15.66 -11.34
C CYS B 220 -9.41 15.65 -11.40
N GLY B 221 -9.97 15.05 -12.44
CA GLY B 221 -11.41 14.80 -12.50
C GLY B 221 -11.95 13.92 -11.37
N ILE B 222 -11.26 12.83 -11.01
CA ILE B 222 -11.73 12.02 -9.90
C ILE B 222 -11.64 12.83 -8.58
N THR B 223 -10.62 13.65 -8.47
CA THR B 223 -10.48 14.50 -7.30
C THR B 223 -11.63 15.56 -7.13
N ALA B 224 -12.10 16.15 -8.23
CA ALA B 224 -13.25 17.09 -8.14
C ALA B 224 -14.52 16.38 -7.69
N ILE B 225 -14.70 15.14 -8.16
CA ILE B 225 -15.79 14.32 -7.66
C ILE B 225 -15.63 14.01 -6.18
N GLU B 226 -14.40 13.76 -5.76
CA GLU B 226 -14.09 13.49 -4.35
C GLU B 226 -14.40 14.73 -3.49
N MET B 227 -14.11 15.91 -4.03
CA MET B 227 -14.46 17.15 -3.35
C MET B 227 -15.98 17.34 -3.27
N ALA B 228 -16.70 16.80 -4.26
CA ALA B 228 -18.14 17.06 -4.35
C ALA B 228 -18.95 16.10 -3.50
N GLU B 229 -18.39 14.92 -3.23
CA GLU B 229 -19.13 13.82 -2.60
C GLU B 229 -18.33 13.17 -1.49
N GLY B 230 -17.09 13.62 -1.29
CA GLY B 230 -16.28 13.19 -0.18
C GLY B 230 -15.58 11.88 -0.47
N ALA B 231 -15.89 11.27 -1.62
CA ALA B 231 -15.25 10.01 -1.96
C ALA B 231 -15.17 9.82 -3.47
N PRO B 232 -14.18 9.05 -3.92
CA PRO B 232 -14.13 8.77 -5.36
C PRO B 232 -15.21 7.77 -5.72
N PRO B 233 -15.55 7.69 -7.02
CA PRO B 233 -16.45 6.65 -7.55
C PRO B 233 -15.98 5.26 -7.13
N LEU B 234 -16.90 4.31 -7.02
CA LEU B 234 -16.57 2.91 -6.72
C LEU B 234 -15.95 2.70 -5.33
N CYS B 235 -16.04 3.73 -4.49
CA CYS B 235 -15.45 3.70 -3.15
C CYS B 235 -16.07 2.60 -2.31
N ASP B 236 -17.17 2.05 -2.80
CA ASP B 236 -17.91 1.00 -2.11
C ASP B 236 -17.42 -0.38 -2.52
N MET B 237 -16.63 -0.44 -3.59
CA MET B 237 -16.12 -1.72 -4.05
C MET B 237 -14.78 -2.08 -3.41
N HIS B 238 -14.57 -3.38 -3.23
CA HIS B 238 -13.23 -3.92 -3.03
C HIS B 238 -12.34 -3.38 -4.14
N PRO B 239 -11.13 -2.93 -3.78
CA PRO B 239 -10.21 -2.31 -4.75
C PRO B 239 -9.90 -3.17 -5.99
N MET B 240 -9.92 -4.49 -5.85
CA MET B 240 -9.73 -5.40 -6.98
C MET B 240 -10.89 -5.32 -7.96
N ARG B 241 -12.10 -5.34 -7.42
CA ARG B 241 -13.29 -5.17 -8.21
C ARG B 241 -13.31 -3.79 -8.90
N ALA B 242 -12.88 -2.74 -8.21
CA ALA B 242 -12.82 -1.42 -8.84
C ALA B 242 -11.75 -1.36 -9.92
N LEU B 243 -10.62 -2.03 -9.68
CA LEU B 243 -9.55 -2.08 -10.68
C LEU B 243 -10.03 -2.61 -12.05
N PHE B 244 -10.83 -3.66 -11.99
CA PHE B 244 -11.47 -4.26 -13.16
C PHE B 244 -12.50 -3.30 -13.81
N LEU B 245 -13.30 -2.64 -12.97
CA LEU B 245 -14.41 -1.78 -13.43
C LEU B 245 -13.98 -0.49 -14.10
N ILE B 246 -12.89 0.11 -13.63
CA ILE B 246 -12.48 1.41 -14.17
C ILE B 246 -12.27 1.41 -15.70
N PRO B 247 -11.55 0.41 -16.24
CA PRO B 247 -11.36 0.42 -17.69
C PRO B 247 -12.62 0.04 -18.49
N ARG B 248 -13.63 -0.50 -17.81
CA ARG B 248 -14.83 -1.03 -18.51
C ARG B 248 -16.07 -0.16 -18.41
N ASN B 249 -16.33 0.38 -17.21
CA ASN B 249 -17.39 1.34 -17.06
C ASN B 249 -17.18 2.54 -17.97
N PRO B 250 -18.28 3.17 -18.40
CA PRO B 250 -18.21 4.51 -18.99
C PRO B 250 -17.66 5.50 -17.94
N PRO B 251 -17.23 6.68 -18.40
CA PRO B 251 -16.81 7.77 -17.52
C PRO B 251 -17.76 7.91 -16.33
N PRO B 252 -17.20 7.96 -15.12
CA PRO B 252 -17.98 8.21 -13.91
C PRO B 252 -18.62 9.59 -13.97
N ARG B 253 -19.62 9.81 -13.12
CA ARG B 253 -20.20 11.14 -12.95
C ARG B 253 -20.73 11.40 -11.54
N LEU B 254 -20.94 12.68 -11.24
CA LEU B 254 -21.57 13.10 -10.01
C LEU B 254 -22.94 12.44 -9.82
N LYS B 255 -23.23 12.05 -8.58
CA LYS B 255 -24.50 11.43 -8.22
C LYS B 255 -25.65 12.43 -8.29
N SER B 256 -25.49 13.55 -7.60
CA SER B 256 -26.54 14.56 -7.51
C SER B 256 -26.72 15.35 -8.80
N LYS B 257 -27.87 16.00 -8.95
CA LYS B 257 -28.13 16.81 -10.15
C LYS B 257 -28.21 18.30 -9.84
N LYS B 258 -27.86 18.67 -8.62
CA LYS B 258 -27.90 20.08 -8.22
C LYS B 258 -26.85 20.88 -8.96
N TRP B 259 -25.78 20.18 -9.37
CA TRP B 259 -24.59 20.83 -9.88
C TRP B 259 -24.88 21.58 -11.17
N SER B 260 -24.11 22.63 -11.43
CA SER B 260 -24.24 23.40 -12.65
C SER B 260 -23.80 22.61 -13.91
N LYS B 261 -24.19 23.11 -15.08
CA LYS B 261 -23.87 22.49 -16.36
C LYS B 261 -22.38 22.61 -16.64
N LYS B 262 -21.80 23.73 -16.22
CA LYS B 262 -20.37 23.96 -16.28
C LYS B 262 -19.57 22.87 -15.54
N PHE B 263 -20.05 22.47 -14.36
CA PHE B 263 -19.36 21.51 -13.50
C PHE B 263 -19.45 20.12 -14.11
N PHE B 264 -20.67 19.72 -14.48
CA PHE B 264 -20.87 18.49 -15.25
C PHE B 264 -19.98 18.44 -16.48
N SER B 265 -19.92 19.55 -17.20
CA SER B 265 -19.06 19.64 -18.38
C SER B 265 -17.57 19.47 -18.05
N PHE B 266 -17.11 20.12 -17.00
CA PHE B 266 -15.73 19.95 -16.53
C PHE B 266 -15.34 18.48 -16.21
N ILE B 267 -16.22 17.80 -15.47
CA ILE B 267 -15.99 16.41 -15.10
C ILE B 267 -15.91 15.59 -16.38
N GLU B 268 -16.83 15.88 -17.29
CA GLU B 268 -16.88 15.19 -18.57
C GLU B 268 -15.59 15.46 -19.35
N GLY B 269 -15.08 16.69 -19.26
CA GLY B 269 -13.87 17.09 -19.95
C GLY B 269 -12.64 16.34 -19.44
N CYS B 270 -12.55 16.09 -18.14
CA CYS B 270 -11.39 15.40 -17.57
C CYS B 270 -11.51 13.90 -17.77
N LEU B 271 -12.73 13.38 -17.62
CA LEU B 271 -12.88 11.94 -17.60
C LEU B 271 -13.17 11.27 -18.95
N VAL B 272 -12.33 11.54 -19.95
CA VAL B 272 -12.36 10.81 -21.22
C VAL B 272 -11.65 9.46 -21.07
N LYS B 273 -12.34 8.36 -21.35
CA LYS B 273 -11.74 7.01 -21.22
C LYS B 273 -10.42 6.83 -21.97
N ASN B 274 -10.36 7.27 -23.22
CA ASN B 274 -9.17 7.07 -24.07
C ASN B 274 -8.28 8.28 -23.91
N TYR B 275 -7.08 8.09 -23.34
CA TYR B 275 -6.24 9.24 -22.95
C TYR B 275 -5.77 10.05 -24.14
N MET B 276 -5.72 9.37 -25.29
CA MET B 276 -5.33 9.97 -26.57
C MET B 276 -6.36 11.02 -27.00
N GLN B 277 -7.55 10.95 -26.43
CA GLN B 277 -8.63 11.83 -26.82
C GLN B 277 -8.99 12.74 -25.64
N ARG B 278 -8.13 12.73 -24.62
CA ARG B 278 -8.32 13.54 -23.43
C ARG B 278 -7.63 14.90 -23.62
N PRO B 279 -8.22 15.96 -23.07
CA PRO B 279 -7.55 17.25 -23.31
C PRO B 279 -6.27 17.38 -22.51
N SER B 280 -5.43 18.33 -22.91
CA SER B 280 -4.20 18.62 -22.20
C SER B 280 -4.54 19.54 -21.07
N THR B 281 -3.54 19.82 -20.24
CA THR B 281 -3.69 20.70 -19.10
C THR B 281 -4.08 22.12 -19.49
N GLU B 282 -3.42 22.68 -20.49
CA GLU B 282 -3.72 24.04 -20.94
C GLU B 282 -5.16 24.16 -21.42
N GLN B 283 -5.58 23.22 -22.24
CA GLN B 283 -6.93 23.22 -22.77
C GLN B 283 -7.93 23.22 -21.62
N LEU B 284 -7.66 22.42 -20.59
CA LEU B 284 -8.56 22.31 -19.46
C LEU B 284 -8.55 23.55 -18.58
N LEU B 285 -7.43 24.27 -18.56
CA LEU B 285 -7.38 25.54 -17.83
C LEU B 285 -8.30 26.63 -18.44
N LYS B 286 -8.70 26.45 -19.70
CA LYS B 286 -9.60 27.40 -20.37
C LYS B 286 -11.04 26.92 -20.29
N HIS B 287 -11.28 25.79 -19.63
CA HIS B 287 -12.66 25.38 -19.45
C HIS B 287 -13.34 26.44 -18.59
N PRO B 288 -14.54 26.87 -19.01
CA PRO B 288 -15.31 27.91 -18.30
C PRO B 288 -15.48 27.62 -16.81
N PHE B 289 -15.64 26.35 -16.43
CA PHE B 289 -15.73 26.02 -15.01
C PHE B 289 -14.47 26.48 -14.28
N ILE B 290 -13.32 26.40 -14.95
CA ILE B 290 -12.04 26.73 -14.34
C ILE B 290 -11.65 28.17 -14.63
N ARG B 291 -12.00 28.61 -15.83
CA ARG B 291 -11.58 29.90 -16.34
C ARG B 291 -12.40 31.06 -15.75
N ASP B 292 -13.67 30.81 -15.44
CA ASP B 292 -14.55 31.89 -15.02
C ASP B 292 -14.97 31.82 -13.55
N GLN B 293 -14.23 32.51 -12.69
CA GLN B 293 -14.47 32.45 -11.25
C GLN B 293 -14.71 33.82 -10.61
N PRO B 294 -15.94 34.37 -10.75
CA PRO B 294 -16.26 35.71 -10.24
C PRO B 294 -16.03 35.84 -8.73
N ASN B 295 -16.51 34.87 -7.94
CA ASN B 295 -16.36 34.91 -6.49
C ASN B 295 -15.02 34.42 -6.00
N GLU B 296 -14.01 34.52 -6.86
CA GLU B 296 -12.67 34.04 -6.54
C GLU B 296 -12.15 34.52 -5.18
N ARG B 297 -12.04 35.83 -5.03
CA ARG B 297 -11.50 36.43 -3.81
C ARG B 297 -12.30 36.07 -2.55
N GLN B 298 -13.63 36.11 -2.65
CA GLN B 298 -14.48 35.66 -1.55
C GLN B 298 -14.19 34.20 -1.19
N VAL B 299 -14.09 33.35 -2.21
CA VAL B 299 -13.78 31.94 -2.02
C VAL B 299 -12.49 31.81 -1.22
N ARG B 300 -11.44 32.50 -1.65
CA ARG B 300 -10.16 32.41 -0.96
C ARG B 300 -10.27 32.90 0.48
N ILE B 301 -11.13 33.89 0.69
CA ILE B 301 -11.44 34.37 2.02
C ILE B 301 -12.16 33.29 2.82
N GLN B 302 -13.29 32.81 2.30
CA GLN B 302 -14.03 31.75 2.96
C GLN B 302 -13.10 30.61 3.35
N LEU B 303 -12.14 30.33 2.49
CA LEU B 303 -11.19 29.25 2.70
C LEU B 303 -10.24 29.56 3.85
N LYS B 304 -9.62 30.74 3.78
CA LYS B 304 -8.72 31.19 4.83
C LYS B 304 -9.43 31.11 6.18
N ASP B 305 -10.66 31.60 6.20
CA ASP B 305 -11.45 31.62 7.43
C ASP B 305 -11.71 30.20 7.93
N HIS B 306 -12.19 29.34 7.03
CA HIS B 306 -12.51 27.98 7.42
C HIS B 306 -11.31 27.30 8.07
N ILE B 307 -10.15 27.52 7.48
CA ILE B 307 -8.90 26.98 8.00
C ILE B 307 -8.68 27.40 9.44
N ASP B 308 -8.81 28.70 9.71
CA ASP B 308 -8.52 29.25 11.03
C ASP B 308 -9.43 28.68 12.11
N ARG B 309 -10.74 28.70 11.85
CA ARG B 309 -11.70 28.15 12.81
C ARG B 309 -11.42 26.69 13.09
N THR B 310 -10.78 26.01 12.13
CA THR B 310 -10.43 24.61 12.29
C THR B 310 -9.27 24.41 13.26
N ARG B 311 -8.29 25.30 13.20
CA ARG B 311 -7.16 25.23 14.12
C ARG B 311 -7.65 25.45 15.55
N LYS B 312 -8.73 26.22 15.68
CA LYS B 312 -9.35 26.48 16.97
C LYS B 312 -10.31 25.35 17.37
PG ANP C . -0.25 -7.23 4.17
O1G ANP C . -0.37 -8.40 5.28
O2G ANP C . -0.82 -5.98 4.72
O3G ANP C . -1.15 -7.72 2.93
PB ANP C . 2.58 -7.24 4.58
O1B ANP C . 2.45 -8.52 5.28
O2B ANP C . 3.96 -7.21 3.76
N3B ANP C . 1.27 -6.97 3.56
PA ANP C . 2.48 -6.02 7.21
O1A ANP C . 1.45 -6.95 7.63
O2A ANP C . 2.09 -4.52 7.64
O3A ANP C . 2.59 -6.04 5.62
O5' ANP C . 3.87 -6.49 7.85
C5' ANP C . 4.95 -5.57 8.08
C4' ANP C . 6.12 -6.36 8.68
O4' ANP C . 5.88 -6.69 10.05
C3' ANP C . 6.23 -7.65 7.85
O3' ANP C . 7.58 -7.96 7.53
C2' ANP C . 5.67 -8.69 8.85
O2' ANP C . 6.27 -9.96 8.63
C1' ANP C . 6.00 -8.10 10.24
N9 ANP C . 5.01 -8.67 11.16
C8 ANP C . 3.65 -8.70 10.97
N7 ANP C . 3.08 -9.35 11.94
C5 ANP C . 4.00 -9.79 12.82
C6 ANP C . 3.97 -10.53 14.02
N6 ANP C . 2.80 -11.03 14.57
N1 ANP C . 5.13 -10.81 14.61
C2 ANP C . 6.28 -10.38 14.11
N3 ANP C . 6.35 -9.69 12.99
C4 ANP C . 5.25 -9.37 12.32
MG MG D . 1.09 -9.01 6.82
MG MG E . -2.62 -19.41 17.44
MG MG F . 2.88 -9.63 8.07
#